data_2B9L
#
_entry.id   2B9L
#
_cell.length_a   106.780
_cell.length_b   76.587
_cell.length_c   69.833
_cell.angle_alpha   90.00
_cell.angle_beta   113.45
_cell.angle_gamma   90.00
#
_symmetry.space_group_name_H-M   'C 1 2 1'
#
loop_
_entity.id
_entity.type
_entity.pdbx_description
1 polymer 'prophenoloxidase activating factor'
2 branched alpha-L-fucopyranose-(1-3)-[2-acetamido-2-deoxy-beta-D-glucopyranose-(1-4)][alpha-L-fucopyranose-(1-6)]2-acetamido-2-deoxy-beta-D-glucopyranose
3 non-polymer 'SULFATE ION'
4 non-polymer 'CALCIUM ION'
5 water water
#
_entity_poly.entity_id   1
_entity_poly.type   'polypeptide(L)'
_entity_poly.pdbx_seq_one_letter_code
;GHMAVVNIFGNASEYIPPGYEIVTKAPLGALTALPRCGTGADQGKKVCIVYHRCDGVTNTVTPEEVINTTGEGIFDIREN
ANECESYLDVCCGLPEGGVLPTPSPTPPVVPVLKPSFCGIRNERGLDFKITGQTNEAEYGEFPWMVAVLKANVIPGSGEE
QLVCGGSLIAPSVVLTGAHCVNSYQSNLDAIKIRAGEWDTLTEKERLPYQERKIRQVIIHSNFNPKTVVNDVALLLLDRP
LVQADNIGTICLPQQSQIFDSTECFASGWGKKEFGSRHRYSNILKKIQLPTVDRDKCQADLRNTRLGLKFVLDQTFVCAG
GEQGKDTCTGDGGSPLFCPDPRNPSRYMQMGIVAWGIGCGDENVPGVYANVAHFRNWIDQEMQAKGLSTTPYVE
;
_entity_poly.pdbx_strand_id   A
#
loop_
_chem_comp.id
_chem_comp.type
_chem_comp.name
_chem_comp.formula
CA non-polymer 'CALCIUM ION' 'Ca 2'
FUC L-saccharide, alpha linking alpha-L-fucopyranose 'C6 H12 O5'
NAG D-saccharide, beta linking 2-acetamido-2-deoxy-beta-D-glucopyranose 'C8 H15 N O6'
SO4 non-polymer 'SULFATE ION' 'O4 S -2'
#
# COMPACT_ATOMS: atom_id res chain seq x y z
N GLY A 1 -30.04 -2.45 1.56
CA GLY A 1 -30.83 -2.10 2.77
C GLY A 1 -30.50 -2.97 3.97
N HIS A 2 -29.66 -3.99 3.79
CA HIS A 2 -29.31 -4.87 4.91
C HIS A 2 -27.80 -4.95 5.17
N MET A 3 -27.05 -3.98 4.65
CA MET A 3 -25.61 -3.97 4.83
C MET A 3 -25.24 -3.76 6.31
N ALA A 4 -26.05 -2.99 7.02
CA ALA A 4 -25.79 -2.72 8.43
C ALA A 4 -25.77 -3.98 9.30
N VAL A 5 -26.87 -4.72 9.30
CA VAL A 5 -26.98 -5.92 10.11
C VAL A 5 -25.87 -6.92 9.80
N VAL A 6 -25.50 -7.04 8.53
CA VAL A 6 -24.44 -7.95 8.14
C VAL A 6 -23.10 -7.48 8.74
N ASN A 7 -22.82 -6.18 8.62
CA ASN A 7 -21.57 -5.64 9.15
C ASN A 7 -21.48 -5.69 10.67
N ILE A 8 -22.62 -5.54 11.33
CA ILE A 8 -22.66 -5.56 12.80
C ILE A 8 -22.59 -6.98 13.35
N PHE A 9 -23.53 -7.83 12.93
CA PHE A 9 -23.54 -9.22 13.40
C PHE A 9 -22.32 -9.99 12.88
N GLY A 10 -21.80 -9.54 11.74
CA GLY A 10 -20.64 -10.20 11.15
C GLY A 10 -19.30 -9.66 11.63
N ASN A 11 -19.34 -8.69 12.53
CA ASN A 11 -18.12 -8.09 13.06
C ASN A 11 -17.18 -7.66 11.92
N ALA A 12 -17.72 -6.92 10.96
CA ALA A 12 -16.96 -6.45 9.81
C ALA A 12 -15.94 -5.36 10.16
N SER A 13 -16.01 -4.84 11.39
CA SER A 13 -15.08 -3.80 11.83
C SER A 13 -13.80 -4.33 12.46
N GLU A 14 -13.64 -5.66 12.49
CA GLU A 14 -12.44 -6.27 13.04
C GLU A 14 -11.79 -7.17 12.01
N TYR A 15 -10.48 -7.35 12.15
CA TYR A 15 -9.75 -8.23 11.25
C TYR A 15 -10.13 -9.66 11.62
N ILE A 16 -10.07 -10.55 10.64
CA ILE A 16 -10.34 -11.95 10.93
C ILE A 16 -9.03 -12.41 11.56
N PRO A 17 -9.10 -13.13 12.68
CA PRO A 17 -7.85 -13.60 13.31
C PRO A 17 -7.07 -14.58 12.44
N PRO A 18 -5.74 -14.59 12.56
CA PRO A 18 -4.93 -15.51 11.74
C PRO A 18 -5.25 -16.96 12.05
N GLY A 19 -4.96 -17.84 11.10
CA GLY A 19 -5.21 -19.25 11.30
C GLY A 19 -6.67 -19.66 11.17
N TYR A 20 -7.58 -18.74 11.49
CA TYR A 20 -9.01 -19.03 11.42
C TYR A 20 -9.42 -19.59 10.06
N GLU A 21 -8.81 -19.06 9.00
CA GLU A 21 -9.13 -19.52 7.64
C GLU A 21 -7.86 -19.67 6.81
N ALA A 26 0.78 -24.06 -0.78
CA ALA A 26 1.65 -24.19 -1.94
C ALA A 26 2.96 -24.89 -1.56
N PRO A 27 2.97 -26.23 -1.57
CA PRO A 27 4.16 -27.01 -1.21
C PRO A 27 5.32 -26.78 -2.19
N LEU A 28 6.51 -26.57 -1.64
CA LEU A 28 7.69 -26.34 -2.46
C LEU A 28 8.10 -27.61 -3.20
N GLY A 29 7.52 -28.74 -2.79
CA GLY A 29 7.82 -30.01 -3.43
C GLY A 29 9.14 -30.63 -3.05
N ALA A 30 9.65 -31.51 -3.91
CA ALA A 30 10.92 -32.18 -3.68
C ALA A 30 12.06 -31.19 -3.58
N LEU A 31 12.85 -31.29 -2.51
CA LEU A 31 13.98 -30.40 -2.32
C LEU A 31 15.01 -30.55 -3.43
N THR A 32 15.12 -31.77 -3.97
CA THR A 32 16.06 -32.04 -5.04
C THR A 32 15.70 -31.27 -6.31
N ALA A 33 14.41 -30.97 -6.47
CA ALA A 33 13.93 -30.24 -7.64
C ALA A 33 14.26 -28.76 -7.59
N LEU A 34 14.70 -28.28 -6.42
CA LEU A 34 15.05 -26.89 -6.24
C LEU A 34 16.41 -26.59 -6.87
N PRO A 35 16.60 -25.35 -7.37
CA PRO A 35 17.89 -25.00 -7.97
C PRO A 35 19.05 -25.18 -7.01
N ARG A 36 20.15 -25.72 -7.53
CA ARG A 36 21.36 -25.97 -6.74
C ARG A 36 22.20 -24.71 -6.54
N CYS A 37 23.00 -24.70 -5.49
CA CYS A 37 23.86 -23.57 -5.19
C CYS A 37 24.98 -24.05 -4.29
N GLY A 38 25.81 -23.11 -3.85
CA GLY A 38 26.93 -23.46 -2.98
C GLY A 38 28.22 -23.52 -3.77
N THR A 39 29.33 -23.14 -3.13
CA THR A 39 30.64 -23.16 -3.77
C THR A 39 31.64 -23.88 -2.85
N GLY A 40 32.90 -23.94 -3.27
CA GLY A 40 33.90 -24.62 -2.46
C GLY A 40 33.48 -26.07 -2.27
N ALA A 41 33.62 -26.59 -1.05
CA ALA A 41 33.24 -27.97 -0.77
C ALA A 41 31.74 -28.21 -0.92
N ASP A 42 30.95 -27.14 -0.88
CA ASP A 42 29.49 -27.26 -1.00
C ASP A 42 28.97 -27.10 -2.42
N GLN A 43 29.86 -26.81 -3.36
CA GLN A 43 29.43 -26.61 -4.73
C GLN A 43 28.38 -27.61 -5.20
N GLY A 44 27.22 -27.10 -5.59
CA GLY A 44 26.14 -27.94 -6.09
C GLY A 44 25.47 -28.82 -5.04
N LYS A 45 25.90 -28.71 -3.80
CA LYS A 45 25.33 -29.51 -2.72
C LYS A 45 24.20 -28.83 -1.96
N LYS A 46 24.16 -27.51 -2.02
CA LYS A 46 23.14 -26.75 -1.32
C LYS A 46 21.96 -26.43 -2.24
N VAL A 47 20.92 -25.84 -1.69
CA VAL A 47 19.74 -25.52 -2.47
C VAL A 47 19.28 -24.07 -2.29
N CYS A 48 18.69 -23.51 -3.35
CA CYS A 48 18.17 -22.17 -3.31
C CYS A 48 16.71 -22.30 -2.89
N ILE A 49 16.39 -21.77 -1.72
CA ILE A 49 15.04 -21.89 -1.20
C ILE A 49 14.56 -20.57 -0.61
N VAL A 50 13.25 -20.34 -0.67
CA VAL A 50 12.68 -19.11 -0.14
C VAL A 50 13.14 -18.95 1.31
N TYR A 51 13.60 -17.75 1.66
CA TYR A 51 14.13 -17.47 2.99
C TYR A 51 13.34 -18.00 4.19
N HIS A 52 12.02 -17.97 4.11
CA HIS A 52 11.23 -18.45 5.25
C HIS A 52 11.22 -19.97 5.45
N ARG A 53 11.97 -20.70 4.64
CA ARG A 53 12.06 -22.15 4.78
C ARG A 53 13.52 -22.55 5.02
N CYS A 54 14.33 -21.57 5.43
CA CYS A 54 15.74 -21.79 5.71
C CYS A 54 16.07 -21.13 7.04
N ASP A 55 16.49 -21.94 8.01
CA ASP A 55 16.83 -21.43 9.34
C ASP A 55 17.94 -20.39 9.25
N GLY A 56 17.70 -19.24 9.87
CA GLY A 56 18.66 -18.16 9.85
C GLY A 56 19.96 -18.43 10.60
N VAL A 57 19.92 -19.29 11.61
CA VAL A 57 21.13 -19.58 12.36
C VAL A 57 21.86 -20.84 11.88
N THR A 58 21.11 -21.88 11.55
CA THR A 58 21.74 -23.12 11.08
C THR A 58 21.90 -23.20 9.57
N ASN A 59 21.34 -22.22 8.86
CA ASN A 59 21.41 -22.19 7.39
C ASN A 59 20.99 -23.55 6.86
N THR A 60 19.94 -24.12 7.47
CA THR A 60 19.45 -25.42 7.06
C THR A 60 17.96 -25.38 6.74
N VAL A 61 17.55 -26.14 5.72
CA VAL A 61 16.14 -26.18 5.33
C VAL A 61 15.30 -26.58 6.54
N THR A 62 14.13 -25.97 6.64
CA THR A 62 13.22 -26.24 7.76
C THR A 62 11.99 -27.02 7.30
N PRO A 63 11.45 -27.87 8.18
CA PRO A 63 10.27 -28.67 7.86
C PRO A 63 9.02 -27.79 7.70
N GLU A 64 8.98 -26.71 8.46
CA GLU A 64 7.85 -25.79 8.40
C GLU A 64 8.32 -24.34 8.29
N GLU A 65 7.36 -23.45 8.06
CA GLU A 65 7.65 -22.03 7.92
C GLU A 65 8.31 -21.53 9.20
N VAL A 66 9.35 -20.72 9.05
CA VAL A 66 10.08 -20.17 10.19
C VAL A 66 10.08 -18.65 10.13
N ILE A 67 10.20 -18.01 11.29
CA ILE A 67 10.22 -16.55 11.37
C ILE A 67 11.50 -16.06 12.04
N ASN A 68 12.21 -15.17 11.35
CA ASN A 68 13.45 -14.60 11.86
C ASN A 68 13.13 -13.36 12.69
N THR A 69 13.47 -13.39 13.96
CA THR A 69 13.19 -12.26 14.85
C THR A 69 14.45 -11.50 15.27
N THR A 70 15.60 -11.92 14.75
CA THR A 70 16.87 -11.27 15.08
C THR A 70 16.90 -9.82 14.60
N GLY A 71 16.16 -9.55 13.53
CA GLY A 71 16.12 -8.20 12.97
C GLY A 71 17.48 -7.78 12.43
N GLU A 72 18.22 -8.75 11.90
CA GLU A 72 19.54 -8.48 11.36
C GLU A 72 19.67 -8.90 9.90
N GLY A 73 18.55 -9.29 9.29
CA GLY A 73 18.58 -9.72 7.91
C GLY A 73 18.69 -8.56 6.92
N ILE A 74 19.58 -8.69 5.95
CA ILE A 74 19.78 -7.67 4.93
C ILE A 74 19.78 -8.31 3.55
N PHE A 75 18.81 -7.94 2.72
CA PHE A 75 18.67 -8.50 1.39
C PHE A 75 19.00 -7.52 0.28
N ASP A 76 19.90 -7.91 -0.61
CA ASP A 76 20.28 -7.07 -1.75
C ASP A 76 19.27 -7.40 -2.85
N ILE A 77 18.45 -6.42 -3.21
CA ILE A 77 17.41 -6.62 -4.21
C ILE A 77 17.88 -6.60 -5.65
N ARG A 78 19.14 -6.25 -5.88
CA ARG A 78 19.64 -6.18 -7.25
C ARG A 78 19.81 -7.54 -7.91
N GLU A 79 19.42 -7.61 -9.17
CA GLU A 79 19.53 -8.85 -9.94
C GLU A 79 21.02 -9.22 -10.02
N ASN A 80 21.31 -10.52 -9.93
CA ASN A 80 22.68 -11.03 -10.00
C ASN A 80 23.60 -10.60 -8.86
N ALA A 81 23.02 -10.16 -7.76
CA ALA A 81 23.84 -9.74 -6.62
C ALA A 81 23.93 -10.81 -5.55
N ASN A 82 23.14 -11.88 -5.69
CA ASN A 82 23.11 -12.94 -4.69
C ASN A 82 23.50 -14.32 -5.23
N GLU A 83 23.65 -15.27 -4.31
CA GLU A 83 23.99 -16.64 -4.67
C GLU A 83 22.91 -17.21 -5.54
N CYS A 84 21.66 -16.95 -5.15
CA CYS A 84 20.50 -17.44 -5.86
C CYS A 84 19.97 -16.41 -6.85
N GLU A 85 19.25 -16.89 -7.86
CA GLU A 85 18.69 -16.01 -8.87
C GLU A 85 17.74 -15.00 -8.23
N SER A 86 16.83 -15.49 -7.40
CA SER A 86 15.86 -14.64 -6.71
C SER A 86 16.46 -14.07 -5.43
N TYR A 87 16.28 -12.76 -5.23
CA TYR A 87 16.80 -12.08 -4.05
C TYR A 87 16.05 -12.52 -2.78
N LEU A 88 14.95 -13.24 -2.96
CA LEU A 88 14.19 -13.71 -1.81
C LEU A 88 14.52 -15.16 -1.48
N ASP A 89 15.47 -15.73 -2.22
CA ASP A 89 15.92 -17.10 -1.98
C ASP A 89 17.27 -17.08 -1.28
N VAL A 90 17.50 -18.07 -0.43
CA VAL A 90 18.76 -18.18 0.31
C VAL A 90 19.41 -19.52 -0.02
N CYS A 91 20.73 -19.51 -0.25
CA CYS A 91 21.41 -20.76 -0.54
C CYS A 91 21.48 -21.52 0.78
N CYS A 92 20.62 -22.54 0.89
CA CYS A 92 20.50 -23.29 2.13
C CYS A 92 21.04 -24.72 2.10
N GLY A 93 21.51 -25.18 3.25
CA GLY A 93 22.02 -26.53 3.35
C GLY A 93 20.89 -27.52 3.55
N LEU A 94 21.01 -28.70 2.95
CA LEU A 94 19.99 -29.72 3.07
C LEU A 94 19.92 -30.25 4.50
N PRO A 95 18.78 -30.83 4.88
CA PRO A 95 18.60 -31.36 6.24
C PRO A 95 19.29 -32.72 6.44
N PRO A 108 3.42 -24.62 13.62
CA PRO A 108 3.65 -23.35 14.31
C PRO A 108 2.43 -22.89 15.11
N VAL A 109 2.68 -22.12 16.17
CA VAL A 109 1.61 -21.62 17.02
C VAL A 109 0.86 -20.46 16.38
N VAL A 110 -0.45 -20.62 16.20
CA VAL A 110 -1.29 -19.58 15.61
C VAL A 110 -1.87 -18.69 16.70
N PRO A 111 -1.42 -17.43 16.78
CA PRO A 111 -1.89 -16.46 17.77
C PRO A 111 -3.33 -15.99 17.56
N VAL A 112 -3.94 -15.45 18.61
CA VAL A 112 -5.31 -14.94 18.56
C VAL A 112 -5.31 -13.50 18.04
N LEU A 113 -6.49 -12.89 17.97
CA LEU A 113 -6.61 -11.51 17.51
C LEU A 113 -5.80 -10.57 18.42
N LYS A 114 -4.92 -9.77 17.81
CA LYS A 114 -4.09 -8.83 18.55
C LYS A 114 -4.64 -7.42 18.41
N PRO A 115 -4.22 -6.50 19.30
CA PRO A 115 -4.72 -5.12 19.19
C PRO A 115 -4.23 -4.53 17.87
N SER A 116 -4.97 -3.56 17.35
CA SER A 116 -4.62 -2.91 16.07
C SER A 116 -4.43 -1.41 16.22
N PHE A 117 -3.45 -0.86 15.51
CA PHE A 117 -3.18 0.58 15.54
C PHE A 117 -3.00 1.14 14.12
N CYS A 118 -3.64 2.27 13.85
CA CYS A 118 -3.53 2.90 12.53
C CYS A 118 -2.20 3.62 12.35
N GLY A 119 -1.81 3.79 11.08
CA GLY A 119 -0.59 4.51 10.72
C GLY A 119 0.76 4.01 11.17
N ILE A 120 0.90 2.72 11.44
CA ILE A 120 2.18 2.20 11.88
C ILE A 120 3.07 1.80 10.71
N ARG A 121 4.18 2.52 10.56
CA ARG A 121 5.14 2.28 9.49
C ARG A 121 6.23 1.32 9.98
N ASN A 122 6.71 0.45 9.09
CA ASN A 122 7.80 -0.48 9.43
C ASN A 122 9.01 0.04 8.66
N GLU A 123 9.62 1.08 9.21
CA GLU A 123 10.76 1.74 8.58
C GLU A 123 11.95 0.83 8.30
N ARG A 124 12.14 -0.19 9.13
CA ARG A 124 13.26 -1.10 8.93
C ARG A 124 12.86 -2.32 8.12
N GLY A 125 11.58 -2.41 7.77
CA GLY A 125 11.08 -3.53 6.98
C GLY A 125 10.75 -4.76 7.79
N LEU A 126 9.78 -5.54 7.31
CA LEU A 126 9.39 -6.78 7.97
C LEU A 126 10.36 -7.85 7.47
N ASP A 127 10.74 -8.77 8.36
CA ASP A 127 11.63 -9.88 8.02
C ASP A 127 13.05 -9.52 7.63
N PHE A 128 13.23 -8.42 6.91
CA PHE A 128 14.55 -8.03 6.48
C PHE A 128 14.61 -6.57 6.04
N LYS A 129 15.83 -6.04 6.00
CA LYS A 129 16.07 -4.67 5.57
C LYS A 129 16.67 -4.83 4.18
N ILE A 130 16.25 -4.01 3.22
CA ILE A 130 16.80 -4.13 1.88
C ILE A 130 18.02 -3.24 1.66
N THR A 131 18.81 -3.60 0.65
CA THR A 131 19.99 -2.84 0.29
C THR A 131 20.12 -2.90 -1.23
N GLY A 132 20.93 -2.02 -1.81
CA GLY A 132 21.09 -1.99 -3.25
C GLY A 132 19.88 -1.36 -3.93
N GLN A 133 19.06 -0.68 -3.13
CA GLN A 133 17.84 -0.05 -3.64
C GLN A 133 18.00 1.40 -4.07
N THR A 134 17.00 1.90 -4.80
CA THR A 134 16.95 3.28 -5.21
C THR A 134 15.70 3.86 -4.52
N ASN A 135 14.55 3.77 -5.17
CA ASN A 135 13.32 4.29 -4.56
C ASN A 135 12.38 3.21 -4.00
N GLU A 136 12.88 1.99 -3.82
CA GLU A 136 12.04 0.91 -3.28
C GLU A 136 11.70 1.07 -1.81
N ALA A 137 10.48 0.69 -1.45
CA ALA A 137 10.05 0.75 -0.05
C ALA A 137 10.42 -0.59 0.58
N GLU A 138 10.59 -0.59 1.90
CA GLU A 138 10.91 -1.81 2.62
C GLU A 138 9.71 -2.75 2.51
N TYR A 139 9.95 -4.03 2.74
CA TYR A 139 8.86 -5.01 2.68
C TYR A 139 7.91 -4.71 3.85
N GLY A 140 6.66 -4.40 3.52
CA GLY A 140 5.68 -4.08 4.55
C GLY A 140 5.90 -2.73 5.20
N GLU A 141 6.63 -1.82 4.55
CA GLU A 141 6.89 -0.52 5.15
C GLU A 141 5.61 0.27 5.43
N PHE A 142 4.67 0.23 4.48
CA PHE A 142 3.40 0.95 4.61
C PHE A 142 2.28 -0.07 4.42
N PRO A 143 1.91 -0.80 5.48
CA PRO A 143 0.86 -1.83 5.47
C PRO A 143 -0.52 -1.44 4.94
N TRP A 144 -0.73 -0.15 4.71
CA TRP A 144 -2.03 0.33 4.23
C TRP A 144 -2.13 0.51 2.72
N MET A 145 -1.02 0.31 2.00
CA MET A 145 -1.04 0.47 0.55
C MET A 145 -1.83 -0.65 -0.11
N VAL A 146 -2.87 -0.28 -0.83
CA VAL A 146 -3.71 -1.27 -1.49
C VAL A 146 -3.75 -1.07 -3.00
N ALA A 147 -3.88 -2.17 -3.73
CA ALA A 147 -3.96 -2.11 -5.19
C ALA A 147 -5.35 -2.51 -5.64
N VAL A 148 -5.95 -1.69 -6.51
CA VAL A 148 -7.26 -1.99 -7.07
C VAL A 148 -6.94 -2.62 -8.42
N LEU A 149 -7.31 -3.88 -8.60
CA LEU A 149 -7.00 -4.60 -9.83
C LEU A 149 -8.19 -5.13 -10.61
N LYS A 150 -7.96 -5.40 -11.88
CA LYS A 150 -8.98 -5.98 -12.73
C LYS A 150 -9.07 -7.43 -12.30
N ALA A 151 -10.29 -7.94 -12.12
CA ALA A 151 -10.47 -9.33 -11.70
C ALA A 151 -10.48 -10.24 -12.92
N ASN A 152 -11.00 -9.72 -14.02
CA ASN A 152 -11.11 -10.46 -15.28
C ASN A 152 -9.89 -11.33 -15.57
N GLU A 159 -1.08 1.13 -17.48
CA GLU A 159 -2.38 0.51 -17.70
C GLU A 159 -2.20 -0.98 -18.00
N GLU A 160 -3.01 -1.82 -17.36
CA GLU A 160 -2.95 -3.27 -17.58
C GLU A 160 -3.78 -4.03 -16.54
N GLN A 161 -3.15 -4.35 -15.41
CA GLN A 161 -3.81 -5.07 -14.33
C GLN A 161 -4.23 -4.08 -13.25
N LEU A 162 -3.34 -3.15 -12.93
CA LEU A 162 -3.59 -2.15 -11.90
C LEU A 162 -4.50 -1.04 -12.42
N VAL A 163 -5.62 -0.85 -11.74
CA VAL A 163 -6.57 0.20 -12.11
C VAL A 163 -6.20 1.47 -11.34
N CYS A 164 -5.92 1.29 -10.05
CA CYS A 164 -5.57 2.39 -9.17
C CYS A 164 -5.01 1.88 -7.86
N GLY A 165 -4.57 2.82 -7.03
CA GLY A 165 -4.06 2.50 -5.72
C GLY A 165 -5.16 2.89 -4.75
N GLY A 166 -4.89 2.76 -3.46
CA GLY A 166 -5.88 3.12 -2.47
C GLY A 166 -5.28 2.85 -1.11
N SER A 167 -6.04 3.13 -0.06
CA SER A 167 -5.54 2.92 1.28
C SER A 167 -6.54 2.19 2.17
N LEU A 168 -6.03 1.34 3.06
CA LEU A 168 -6.88 0.62 3.97
C LEU A 168 -7.18 1.52 5.16
N ILE A 169 -8.46 1.80 5.41
CA ILE A 169 -8.80 2.64 6.55
C ILE A 169 -9.53 1.84 7.64
N ALA A 170 -10.03 0.66 7.26
CA ALA A 170 -10.69 -0.25 8.20
C ALA A 170 -10.58 -1.68 7.65
N PRO A 171 -10.70 -2.69 8.51
CA PRO A 171 -10.58 -4.08 8.03
C PRO A 171 -11.39 -4.42 6.77
N SER A 172 -12.52 -3.76 6.57
CA SER A 172 -13.36 -4.02 5.39
C SER A 172 -13.54 -2.78 4.51
N VAL A 173 -12.70 -1.76 4.69
CA VAL A 173 -12.87 -0.53 3.92
C VAL A 173 -11.59 0.05 3.32
N VAL A 174 -11.65 0.37 2.03
CA VAL A 174 -10.53 0.96 1.29
C VAL A 174 -10.93 2.34 0.79
N LEU A 175 -10.05 3.32 0.98
CA LEU A 175 -10.28 4.70 0.53
C LEU A 175 -9.50 4.94 -0.77
N THR A 176 -10.15 5.50 -1.78
CA THR A 176 -9.50 5.74 -3.05
C THR A 176 -10.16 6.91 -3.76
N GLY A 177 -9.74 7.17 -5.00
CA GLY A 177 -10.35 8.27 -5.74
C GLY A 177 -11.62 7.84 -6.46
N ALA A 178 -12.60 8.72 -6.50
CA ALA A 178 -13.85 8.45 -7.20
C ALA A 178 -13.56 8.11 -8.68
N HIS A 179 -12.60 8.83 -9.27
CA HIS A 179 -12.25 8.61 -10.67
C HIS A 179 -11.79 7.19 -10.94
N CYS A 180 -11.38 6.52 -9.88
CA CYS A 180 -10.90 5.14 -9.98
C CYS A 180 -11.98 4.08 -10.19
N VAL A 181 -13.10 4.24 -9.49
CA VAL A 181 -14.16 3.24 -9.56
C VAL A 181 -15.51 3.75 -10.07
N ASN A 182 -15.57 5.03 -10.41
CA ASN A 182 -16.81 5.64 -10.90
C ASN A 182 -17.48 4.80 -11.99
N SER A 183 -16.68 4.30 -12.93
CA SER A 183 -17.20 3.51 -14.04
C SER A 183 -17.46 2.03 -13.75
N TYR A 184 -17.16 1.59 -12.53
CA TYR A 184 -17.38 0.19 -12.17
C TYR A 184 -18.55 0.03 -11.21
N GLN A 185 -19.31 1.10 -11.01
CA GLN A 185 -20.45 1.07 -10.10
C GLN A 185 -21.42 -0.08 -10.36
N SER A 186 -21.73 -0.34 -11.62
CA SER A 186 -22.65 -1.41 -11.96
C SER A 186 -21.94 -2.66 -12.44
N ASN A 187 -20.63 -2.73 -12.22
CA ASN A 187 -19.84 -3.87 -12.65
C ASN A 187 -18.68 -4.14 -11.69
N LEU A 188 -19.00 -4.18 -10.41
CA LEU A 188 -18.00 -4.41 -9.36
C LEU A 188 -17.26 -5.73 -9.47
N ASP A 189 -17.86 -6.71 -10.14
CA ASP A 189 -17.21 -8.00 -10.30
C ASP A 189 -15.96 -7.90 -11.19
N ALA A 190 -15.88 -6.82 -11.97
CA ALA A 190 -14.74 -6.63 -12.87
C ALA A 190 -13.46 -6.20 -12.14
N ILE A 191 -13.59 -5.81 -10.87
CA ILE A 191 -12.43 -5.37 -10.12
C ILE A 191 -12.33 -6.02 -8.74
N LYS A 192 -11.20 -5.81 -8.09
CA LYS A 192 -10.95 -6.37 -6.77
C LYS A 192 -9.81 -5.58 -6.13
N ILE A 193 -9.52 -5.88 -4.86
CA ILE A 193 -8.44 -5.20 -4.19
C ILE A 193 -7.41 -6.20 -3.70
N ARG A 194 -6.16 -5.77 -3.61
CA ARG A 194 -5.10 -6.63 -3.13
C ARG A 194 -4.36 -5.83 -2.07
N ALA A 195 -4.30 -6.39 -0.86
CA ALA A 195 -3.60 -5.73 0.24
C ALA A 195 -2.39 -6.56 0.63
N GLY A 196 -1.44 -5.93 1.30
CA GLY A 196 -0.24 -6.63 1.73
C GLY A 196 0.76 -6.94 0.63
N GLU A 197 0.56 -6.35 -0.54
CA GLU A 197 1.47 -6.59 -1.67
C GLU A 197 2.77 -5.82 -1.50
N TRP A 198 3.83 -6.30 -2.16
CA TRP A 198 5.14 -5.65 -2.13
C TRP A 198 5.79 -5.77 -3.51
N ASP A 199 6.31 -6.95 -3.85
CA ASP A 199 6.91 -7.17 -5.18
C ASP A 199 5.86 -7.91 -5.99
N THR A 200 5.20 -7.22 -6.92
CA THR A 200 4.15 -7.84 -7.73
C THR A 200 4.61 -8.93 -8.70
N LEU A 201 5.91 -9.23 -8.75
CA LEU A 201 6.40 -10.25 -9.66
C LEU A 201 6.77 -11.59 -9.00
N THR A 202 6.55 -11.71 -7.69
CA THR A 202 6.86 -12.95 -6.99
C THR A 202 5.95 -13.10 -5.80
N GLU A 203 5.75 -14.34 -5.33
CA GLU A 203 4.91 -14.57 -4.16
C GLU A 203 5.77 -15.18 -3.06
N LYS A 204 7.08 -14.95 -3.16
CA LYS A 204 8.02 -15.49 -2.19
C LYS A 204 8.00 -14.77 -0.83
N GLU A 205 7.29 -13.64 -0.73
CA GLU A 205 7.22 -12.95 0.55
C GLU A 205 6.54 -13.84 1.58
N ARG A 206 7.12 -13.90 2.78
CA ARG A 206 6.58 -14.73 3.86
C ARG A 206 5.09 -14.47 4.10
N LEU A 207 4.74 -13.22 4.35
CA LEU A 207 3.33 -12.87 4.55
C LEU A 207 2.79 -12.55 3.16
N PRO A 208 1.80 -13.32 2.70
CA PRO A 208 1.19 -13.14 1.38
C PRO A 208 0.24 -11.96 1.26
N TYR A 209 -0.06 -11.58 0.02
CA TYR A 209 -1.01 -10.50 -0.22
C TYR A 209 -2.37 -11.14 0.00
N GLN A 210 -3.39 -10.31 0.17
CA GLN A 210 -4.74 -10.82 0.36
C GLN A 210 -5.64 -10.08 -0.60
N GLU A 211 -6.56 -10.81 -1.21
CA GLU A 211 -7.49 -10.19 -2.15
C GLU A 211 -8.92 -10.32 -1.63
N ARG A 212 -9.76 -9.36 -1.98
CA ARG A 212 -11.14 -9.34 -1.55
C ARG A 212 -12.01 -8.76 -2.65
N LYS A 213 -13.25 -9.21 -2.73
CA LYS A 213 -14.16 -8.68 -3.73
C LYS A 213 -14.71 -7.40 -3.11
N ILE A 214 -15.20 -6.51 -3.96
CA ILE A 214 -15.77 -5.25 -3.50
C ILE A 214 -17.29 -5.38 -3.50
N ARG A 215 -17.89 -5.40 -2.32
CA ARG A 215 -19.35 -5.54 -2.19
C ARG A 215 -20.11 -4.29 -2.61
N GLN A 216 -19.59 -3.13 -2.25
CA GLN A 216 -20.22 -1.86 -2.59
C GLN A 216 -19.17 -0.77 -2.76
N VAL A 217 -19.53 0.27 -3.50
CA VAL A 217 -18.66 1.42 -3.70
C VAL A 217 -19.49 2.64 -3.32
N ILE A 218 -18.91 3.53 -2.52
CA ILE A 218 -19.60 4.74 -2.12
C ILE A 218 -18.84 5.90 -2.75
N ILE A 219 -19.44 6.52 -3.76
CA ILE A 219 -18.82 7.65 -4.45
C ILE A 219 -19.41 8.96 -3.93
N HIS A 220 -18.53 9.91 -3.58
CA HIS A 220 -18.97 11.19 -3.07
C HIS A 220 -20.01 11.83 -4.00
N SER A 221 -21.08 12.35 -3.40
CA SER A 221 -22.18 12.94 -4.16
C SER A 221 -21.81 14.12 -5.04
N ASN A 222 -20.85 14.94 -4.61
CA ASN A 222 -20.46 16.09 -5.40
C ASN A 222 -19.22 15.90 -6.24
N PHE A 223 -18.90 14.66 -6.56
CA PHE A 223 -17.73 14.39 -7.39
C PHE A 223 -18.02 14.84 -8.81
N ASN A 224 -17.06 15.51 -9.42
CA ASN A 224 -17.20 15.98 -10.78
C ASN A 224 -15.94 15.60 -11.55
N PRO A 225 -16.06 14.70 -12.52
CA PRO A 225 -14.94 14.24 -13.33
C PRO A 225 -14.28 15.33 -14.18
N LYS A 226 -14.96 16.45 -14.34
CA LYS A 226 -14.42 17.55 -15.14
C LYS A 226 -13.41 18.39 -14.35
N THR A 227 -13.84 18.94 -13.21
CA THR A 227 -12.96 19.76 -12.40
C THR A 227 -12.22 18.91 -11.35
N VAL A 228 -12.56 17.63 -11.29
CA VAL A 228 -11.95 16.67 -10.38
C VAL A 228 -12.14 16.99 -8.90
N VAL A 229 -13.15 17.80 -8.57
CA VAL A 229 -13.42 18.13 -7.19
C VAL A 229 -14.12 16.95 -6.51
N ASN A 230 -13.89 16.80 -5.21
CA ASN A 230 -14.50 15.71 -4.44
C ASN A 230 -14.16 14.35 -5.03
N ASP A 231 -12.89 14.14 -5.37
CA ASP A 231 -12.46 12.88 -5.95
C ASP A 231 -12.16 11.87 -4.84
N VAL A 232 -13.22 11.36 -4.23
CA VAL A 232 -13.06 10.40 -3.15
C VAL A 232 -14.18 9.35 -3.18
N ALA A 233 -13.81 8.12 -2.85
CA ALA A 233 -14.77 7.03 -2.83
C ALA A 233 -14.34 5.99 -1.81
N LEU A 234 -15.30 5.22 -1.32
CA LEU A 234 -15.03 4.15 -0.38
C LEU A 234 -15.38 2.82 -1.02
N LEU A 235 -14.53 1.83 -0.79
CA LEU A 235 -14.76 0.48 -1.30
C LEU A 235 -15.05 -0.39 -0.09
N LEU A 236 -16.25 -0.96 -0.04
CA LEU A 236 -16.63 -1.81 1.08
C LEU A 236 -16.42 -3.25 0.63
N LEU A 237 -15.53 -3.95 1.33
CA LEU A 237 -15.17 -5.32 0.98
C LEU A 237 -16.16 -6.39 1.44
N ASP A 238 -16.26 -7.48 0.67
CA ASP A 238 -17.18 -8.57 0.96
C ASP A 238 -16.90 -9.20 2.32
N ARG A 239 -15.65 -9.23 2.73
CA ARG A 239 -15.30 -9.75 4.04
C ARG A 239 -14.00 -9.11 4.50
N PRO A 240 -13.83 -8.92 5.81
CA PRO A 240 -12.61 -8.30 6.34
C PRO A 240 -11.32 -9.04 6.05
N LEU A 241 -10.23 -8.29 6.11
CA LEU A 241 -8.91 -8.84 5.86
C LEU A 241 -8.46 -9.62 7.08
N VAL A 242 -7.54 -10.56 6.88
CA VAL A 242 -7.00 -11.35 7.97
C VAL A 242 -5.85 -10.56 8.59
N GLN A 243 -5.81 -10.51 9.91
CA GLN A 243 -4.75 -9.78 10.60
C GLN A 243 -3.37 -10.34 10.27
N ALA A 244 -2.45 -9.46 9.90
CA ALA A 244 -1.08 -9.85 9.56
C ALA A 244 -0.20 -8.61 9.65
N ASP A 245 1.10 -8.80 9.82
CA ASP A 245 1.98 -7.64 9.93
C ASP A 245 2.11 -6.81 8.66
N ASN A 246 1.81 -7.40 7.51
CA ASN A 246 1.89 -6.66 6.25
C ASN A 246 0.54 -6.02 5.91
N ILE A 247 -0.36 -5.98 6.89
CA ILE A 247 -1.68 -5.40 6.73
C ILE A 247 -1.99 -4.45 7.89
N GLY A 248 -2.33 -3.20 7.56
CA GLY A 248 -2.64 -2.24 8.60
C GLY A 248 -3.31 -1.02 8.00
N THR A 249 -4.13 -0.34 8.81
CA THR A 249 -4.83 0.85 8.33
C THR A 249 -3.97 2.11 8.47
N ILE A 250 -4.41 3.17 7.82
CA ILE A 250 -3.75 4.46 7.89
C ILE A 250 -4.70 5.30 8.73
N CYS A 251 -4.17 6.21 9.54
CA CYS A 251 -5.05 7.06 10.35
C CYS A 251 -5.58 8.20 9.48
N LEU A 252 -6.79 8.67 9.79
CA LEU A 252 -7.34 9.78 9.02
C LEU A 252 -7.23 11.08 9.81
N PRO A 253 -7.07 12.21 9.11
CA PRO A 253 -6.95 13.51 9.77
C PRO A 253 -8.29 14.02 10.27
N GLN A 254 -8.25 15.04 11.11
CA GLN A 254 -9.47 15.66 11.62
C GLN A 254 -10.02 16.49 10.48
N GLN A 255 -11.33 16.75 10.51
CA GLN A 255 -11.94 17.56 9.46
C GLN A 255 -11.20 18.90 9.41
N SER A 256 -10.92 19.36 8.19
CA SER A 256 -10.24 20.65 8.00
C SER A 256 -8.79 20.75 8.48
N GLN A 257 -8.22 19.65 8.96
CA GLN A 257 -6.84 19.68 9.42
C GLN A 257 -5.92 20.14 8.28
N ILE A 258 -4.86 20.87 8.63
CA ILE A 258 -3.89 21.35 7.65
C ILE A 258 -2.54 20.74 8.01
N PHE A 259 -1.90 20.09 7.04
CA PHE A 259 -0.61 19.46 7.27
C PHE A 259 0.57 20.37 6.96
N ASP A 260 1.63 20.21 7.74
CA ASP A 260 2.86 20.98 7.59
C ASP A 260 3.99 20.02 7.94
N SER A 261 4.62 19.45 6.91
CA SER A 261 5.71 18.50 7.09
C SER A 261 6.65 18.43 5.89
N THR A 262 7.90 18.03 6.14
CA THR A 262 8.89 17.88 5.10
C THR A 262 9.10 16.38 4.90
N GLU A 263 8.30 15.60 5.61
CA GLU A 263 8.41 14.14 5.59
C GLU A 263 7.18 13.34 5.16
N CYS A 264 6.42 13.81 4.19
CA CYS A 264 5.27 13.04 3.75
C CYS A 264 5.80 12.04 2.72
N PHE A 265 4.94 11.14 2.27
CA PHE A 265 5.32 10.14 1.28
C PHE A 265 4.20 9.85 0.29
N ALA A 266 4.60 9.53 -0.94
CA ALA A 266 3.68 9.12 -1.99
C ALA A 266 4.27 7.74 -2.28
N SER A 267 3.44 6.79 -2.69
CA SER A 267 3.94 5.42 -2.92
C SER A 267 3.13 4.71 -4.00
N GLY A 268 3.80 3.84 -4.77
CA GLY A 268 3.09 3.14 -5.82
C GLY A 268 3.94 2.15 -6.60
N TRP A 269 3.29 1.41 -7.49
CA TRP A 269 3.95 0.41 -8.31
C TRP A 269 4.05 0.80 -9.78
N GLY A 270 3.12 1.62 -10.24
CA GLY A 270 3.10 2.03 -11.65
C GLY A 270 2.13 1.14 -12.41
N LYS A 271 1.15 1.73 -13.08
CA LYS A 271 0.16 0.96 -13.83
C LYS A 271 0.77 0.01 -14.85
N LYS A 272 1.78 0.48 -15.57
CA LYS A 272 2.44 -0.31 -16.59
C LYS A 272 3.27 -1.45 -16.00
N GLU A 273 3.94 -1.18 -14.89
CA GLU A 273 4.80 -2.15 -14.23
C GLU A 273 4.11 -3.25 -13.41
N PHE A 274 3.02 -2.90 -12.72
CA PHE A 274 2.33 -3.86 -11.86
C PHE A 274 2.04 -5.22 -12.51
N GLY A 275 2.67 -6.27 -11.97
CA GLY A 275 2.47 -7.61 -12.47
C GLY A 275 2.99 -7.87 -13.87
N SER A 276 3.76 -6.94 -14.41
CA SER A 276 4.29 -7.11 -15.77
C SER A 276 5.55 -7.96 -15.72
N ARG A 277 5.41 -9.23 -16.11
CA ARG A 277 6.52 -10.18 -16.10
C ARG A 277 7.54 -9.91 -17.21
N HIS A 278 7.99 -8.67 -17.32
CA HIS A 278 8.97 -8.29 -18.32
C HIS A 278 10.16 -7.64 -17.65
N ARG A 279 10.20 -7.74 -16.32
CA ARG A 279 11.26 -7.14 -15.53
C ARG A 279 11.69 -8.13 -14.43
N TYR A 280 12.80 -7.81 -13.75
CA TYR A 280 13.28 -8.68 -12.70
C TYR A 280 12.39 -8.61 -11.46
N SER A 281 11.88 -7.42 -11.17
CA SER A 281 11.02 -7.23 -10.01
C SER A 281 10.25 -5.91 -10.11
N ASN A 282 9.15 -5.82 -9.38
CA ASN A 282 8.33 -4.60 -9.34
C ASN A 282 7.99 -4.35 -7.88
N ILE A 283 8.97 -3.87 -7.14
CA ILE A 283 8.80 -3.59 -5.72
C ILE A 283 8.14 -2.23 -5.51
N LEU A 284 7.21 -2.17 -4.56
CA LEU A 284 6.53 -0.93 -4.24
C LEU A 284 7.58 0.17 -4.09
N LYS A 285 7.32 1.32 -4.70
CA LYS A 285 8.25 2.44 -4.63
C LYS A 285 7.69 3.53 -3.73
N LYS A 286 8.57 4.42 -3.29
CA LYS A 286 8.16 5.53 -2.42
C LYS A 286 8.98 6.76 -2.75
N ILE A 287 8.44 7.92 -2.38
CA ILE A 287 9.15 9.17 -2.57
C ILE A 287 8.76 10.09 -1.42
N GLN A 288 9.77 10.70 -0.80
CA GLN A 288 9.52 11.61 0.30
C GLN A 288 9.29 13.00 -0.26
N LEU A 289 8.25 13.66 0.24
CA LEU A 289 7.94 15.00 -0.22
C LEU A 289 7.36 15.88 0.88
N PRO A 290 7.59 17.20 0.77
CA PRO A 290 7.10 18.15 1.76
C PRO A 290 5.72 18.67 1.38
N THR A 291 5.02 19.21 2.35
CA THR A 291 3.72 19.79 2.10
C THR A 291 3.99 21.16 1.47
N VAL A 292 2.98 21.76 0.87
CA VAL A 292 3.10 23.08 0.30
C VAL A 292 1.83 23.82 0.67
N ASP A 293 1.99 24.96 1.35
CA ASP A 293 0.85 25.76 1.78
C ASP A 293 -0.13 26.02 0.64
N ARG A 294 -1.41 25.91 0.95
CA ARG A 294 -2.50 26.11 0.01
C ARG A 294 -2.40 27.38 -0.82
N ASP A 295 -2.18 28.51 -0.14
CA ASP A 295 -2.10 29.80 -0.81
C ASP A 295 -0.84 29.93 -1.68
N LYS A 296 0.27 29.39 -1.19
CA LYS A 296 1.52 29.42 -1.94
C LYS A 296 1.33 28.59 -3.21
N CYS A 297 0.72 27.41 -3.05
CA CYS A 297 0.45 26.51 -4.17
C CYS A 297 -0.37 27.19 -5.25
N GLN A 298 -1.44 27.86 -4.84
CA GLN A 298 -2.29 28.56 -5.79
C GLN A 298 -1.45 29.59 -6.53
N ALA A 299 -0.53 30.22 -5.79
CA ALA A 299 0.36 31.22 -6.36
C ALA A 299 1.30 30.60 -7.40
N ASP A 300 1.84 29.43 -7.08
CA ASP A 300 2.73 28.74 -8.01
C ASP A 300 1.95 28.36 -9.26
N LEU A 301 0.71 27.93 -9.08
CA LEU A 301 -0.13 27.54 -10.20
C LEU A 301 -0.53 28.75 -11.04
N ARG A 302 -0.76 29.88 -10.38
CA ARG A 302 -1.13 31.11 -11.08
C ARG A 302 0.03 31.62 -11.93
N ASN A 303 1.25 31.23 -11.57
CA ASN A 303 2.43 31.66 -12.31
C ASN A 303 2.60 30.85 -13.60
N THR A 304 1.85 29.77 -13.74
CA THR A 304 1.91 28.95 -14.96
C THR A 304 0.91 29.59 -15.91
N ARG A 305 0.72 28.99 -17.09
CA ARG A 305 -0.23 29.55 -18.05
C ARG A 305 -1.66 29.53 -17.53
N LEU A 306 -1.88 28.92 -16.37
CA LEU A 306 -3.23 28.90 -15.80
C LEU A 306 -3.69 30.32 -15.54
N GLY A 307 -2.73 31.22 -15.33
CA GLY A 307 -3.08 32.61 -15.09
C GLY A 307 -3.37 32.95 -13.65
N LEU A 308 -3.20 34.24 -13.30
CA LEU A 308 -3.43 34.69 -11.94
C LEU A 308 -4.89 34.70 -11.52
N LYS A 309 -5.79 34.27 -12.41
CA LYS A 309 -7.21 34.24 -12.10
C LYS A 309 -7.59 32.85 -11.56
N PHE A 310 -6.76 31.86 -11.82
CA PHE A 310 -7.00 30.50 -11.37
C PHE A 310 -7.23 30.40 -9.86
N VAL A 311 -8.20 29.57 -9.48
CA VAL A 311 -8.51 29.36 -8.07
C VAL A 311 -8.41 27.89 -7.73
N LEU A 312 -7.56 27.56 -6.75
CA LEU A 312 -7.39 26.17 -6.33
C LEU A 312 -8.56 25.83 -5.41
N ASP A 313 -9.38 24.86 -5.81
CA ASP A 313 -10.52 24.48 -4.99
C ASP A 313 -10.08 23.98 -3.63
N GLN A 314 -10.93 24.18 -2.63
CA GLN A 314 -10.64 23.77 -1.27
C GLN A 314 -10.51 22.24 -1.12
N THR A 315 -11.04 21.49 -2.09
CA THR A 315 -10.95 20.03 -2.05
C THR A 315 -9.62 19.49 -2.58
N PHE A 316 -8.63 20.37 -2.73
CA PHE A 316 -7.30 19.97 -3.19
C PHE A 316 -6.28 20.45 -2.18
N VAL A 317 -5.16 19.74 -2.08
CA VAL A 317 -4.04 20.13 -1.21
C VAL A 317 -2.81 19.89 -2.06
N CYS A 318 -1.69 20.49 -1.68
CA CYS A 318 -0.48 20.33 -2.47
C CYS A 318 0.74 19.81 -1.71
N ALA A 319 1.67 19.26 -2.48
CA ALA A 319 2.92 18.73 -1.96
C ALA A 319 3.99 19.05 -3.00
N GLY A 320 5.26 18.99 -2.60
CA GLY A 320 6.32 19.30 -3.53
C GLY A 320 6.50 18.31 -4.67
N GLY A 321 7.01 18.79 -5.79
CA GLY A 321 7.26 17.93 -6.95
C GLY A 321 8.74 17.60 -7.09
N GLU A 322 9.11 16.95 -8.19
CA GLU A 322 10.50 16.55 -8.44
C GLU A 322 11.20 17.39 -9.49
N GLN A 323 12.50 17.61 -9.31
CA GLN A 323 13.30 18.40 -10.24
C GLN A 323 13.21 17.77 -11.62
N GLY A 324 14.24 17.00 -11.99
CA GLY A 324 14.22 16.33 -13.28
C GLY A 324 13.06 15.37 -13.27
N LYS A 325 12.07 15.59 -14.13
CA LYS A 325 10.89 14.74 -14.17
C LYS A 325 10.94 13.59 -15.17
N ASP A 326 10.17 12.55 -14.86
CA ASP A 326 10.06 11.37 -15.70
C ASP A 326 8.74 10.66 -15.43
N THR A 327 8.65 9.94 -14.32
CA THR A 327 7.42 9.23 -13.95
C THR A 327 7.06 9.46 -12.49
N CYS A 328 5.77 9.69 -12.23
CA CYS A 328 5.28 9.91 -10.88
C CYS A 328 5.24 8.61 -10.06
N THR A 329 5.52 8.73 -8.77
CA THR A 329 5.55 7.59 -7.86
C THR A 329 4.22 7.03 -7.37
N GLY A 330 3.32 7.89 -6.91
CA GLY A 330 2.04 7.41 -6.42
C GLY A 330 1.05 7.09 -7.52
N ASP A 331 0.39 5.93 -7.41
CA ASP A 331 -0.59 5.51 -8.40
C ASP A 331 -1.89 6.29 -8.19
N GLY A 332 -2.71 6.41 -9.23
CA GLY A 332 -3.97 7.11 -9.09
C GLY A 332 -4.76 6.51 -7.92
N GLY A 333 -5.40 7.38 -7.13
CA GLY A 333 -6.18 6.90 -6.00
C GLY A 333 -5.39 6.49 -4.76
N SER A 334 -4.06 6.44 -4.88
CA SER A 334 -3.23 6.06 -3.74
C SER A 334 -3.11 7.19 -2.72
N PRO A 335 -2.71 6.84 -1.48
CA PRO A 335 -2.57 7.85 -0.43
C PRO A 335 -1.26 8.63 -0.37
N LEU A 336 -1.40 9.91 -0.03
CA LEU A 336 -0.27 10.80 0.19
C LEU A 336 -0.39 10.90 1.71
N PHE A 337 0.60 10.39 2.43
CA PHE A 337 0.51 10.40 3.90
C PHE A 337 1.66 11.10 4.60
N CYS A 338 1.36 11.66 5.77
CA CYS A 338 2.36 12.38 6.56
C CYS A 338 2.27 12.00 8.03
N PRO A 339 3.29 12.36 8.81
CA PRO A 339 3.26 12.02 10.23
C PRO A 339 2.18 12.80 10.98
N ASP A 340 1.61 12.14 11.98
CA ASP A 340 0.59 12.75 12.83
C ASP A 340 1.39 13.76 13.67
N PRO A 341 1.11 15.06 13.54
CA PRO A 341 1.86 16.05 14.33
C PRO A 341 1.78 15.84 15.84
N ARG A 342 0.66 15.29 16.30
CA ARG A 342 0.46 15.05 17.72
C ARG A 342 1.02 13.69 18.13
N ASN A 343 1.41 12.89 17.14
CA ASN A 343 1.97 11.56 17.36
C ASN A 343 2.85 11.24 16.16
N PRO A 344 4.01 11.89 16.05
CA PRO A 344 5.00 11.74 14.98
C PRO A 344 5.45 10.34 14.61
N SER A 345 5.20 9.36 15.47
CA SER A 345 5.58 7.99 15.18
C SER A 345 4.64 7.32 14.17
N ARG A 346 3.38 7.79 14.12
CA ARG A 346 2.40 7.21 13.21
C ARG A 346 2.04 8.16 12.07
N TYR A 347 1.41 7.61 11.04
CA TYR A 347 1.03 8.41 9.87
C TYR A 347 -0.46 8.59 9.65
N MET A 348 -0.79 9.72 9.02
CA MET A 348 -2.17 10.07 8.68
C MET A 348 -2.21 10.35 7.19
N GLN A 349 -3.36 10.11 6.57
CA GLN A 349 -3.50 10.37 5.15
C GLN A 349 -3.86 11.83 4.88
N MET A 350 -3.02 12.51 4.12
CA MET A 350 -3.24 13.92 3.78
C MET A 350 -3.95 14.05 2.45
N GLY A 351 -3.56 13.22 1.50
CA GLY A 351 -4.18 13.31 0.19
C GLY A 351 -4.42 12.01 -0.55
N ILE A 352 -5.08 12.16 -1.68
CA ILE A 352 -5.39 11.05 -2.58
C ILE A 352 -4.89 11.51 -3.95
N VAL A 353 -4.11 10.68 -4.63
CA VAL A 353 -3.61 11.02 -5.96
C VAL A 353 -4.78 11.16 -6.93
N ALA A 354 -4.96 12.37 -7.47
CA ALA A 354 -6.05 12.65 -8.41
C ALA A 354 -5.67 12.25 -9.85
N TRP A 355 -4.40 12.44 -10.21
CA TRP A 355 -3.90 12.08 -11.54
C TRP A 355 -2.53 11.46 -11.34
N GLY A 356 -2.33 10.27 -11.89
CA GLY A 356 -1.03 9.62 -11.75
C GLY A 356 0.08 10.47 -12.33
N ILE A 357 -0.27 11.33 -13.28
CA ILE A 357 0.72 12.20 -13.92
C ILE A 357 0.76 13.62 -13.32
N GLY A 358 0.01 13.85 -12.25
CA GLY A 358 0.00 15.18 -11.68
C GLY A 358 0.85 15.41 -10.44
N CYS A 359 2.01 14.78 -10.37
CA CYS A 359 2.86 14.95 -9.18
C CYS A 359 3.73 16.21 -9.20
N GLY A 360 3.56 17.06 -10.21
CA GLY A 360 4.31 18.29 -10.32
C GLY A 360 5.80 18.17 -10.55
N ASP A 361 6.52 19.26 -10.31
CA ASP A 361 7.97 19.28 -10.48
C ASP A 361 8.61 20.25 -9.48
N GLU A 362 9.87 20.61 -9.72
CA GLU A 362 10.60 21.50 -8.82
C GLU A 362 9.95 22.87 -8.59
N ASN A 363 9.25 23.40 -9.59
CA ASN A 363 8.62 24.70 -9.44
C ASN A 363 7.11 24.66 -9.27
N VAL A 364 6.48 23.59 -9.75
CA VAL A 364 5.04 23.46 -9.61
C VAL A 364 4.71 22.24 -8.77
N PRO A 365 4.06 22.44 -7.62
CA PRO A 365 3.71 21.34 -6.73
C PRO A 365 2.68 20.36 -7.30
N GLY A 366 2.64 19.17 -6.72
CA GLY A 366 1.68 18.18 -7.14
C GLY A 366 0.37 18.56 -6.47
N VAL A 367 -0.75 18.28 -7.14
CA VAL A 367 -2.06 18.60 -6.59
C VAL A 367 -2.76 17.29 -6.27
N TYR A 368 -3.29 17.18 -5.05
CA TYR A 368 -3.96 15.97 -4.57
C TYR A 368 -5.32 16.29 -3.98
N ALA A 369 -6.15 15.27 -3.82
CA ALA A 369 -7.46 15.47 -3.22
C ALA A 369 -7.22 15.68 -1.73
N ASN A 370 -7.94 16.64 -1.15
CA ASN A 370 -7.82 17.01 0.25
C ASN A 370 -8.63 16.09 1.17
N VAL A 371 -7.96 15.09 1.74
CA VAL A 371 -8.63 14.11 2.62
C VAL A 371 -9.28 14.76 3.84
N ALA A 372 -8.59 15.72 4.45
CA ALA A 372 -9.11 16.40 5.64
C ALA A 372 -10.49 17.04 5.38
N HIS A 373 -10.71 17.47 4.14
CA HIS A 373 -11.98 18.07 3.75
C HIS A 373 -13.11 17.03 3.74
N PHE A 374 -12.76 15.75 3.72
CA PHE A 374 -13.77 14.69 3.67
C PHE A 374 -13.91 13.84 4.91
N ARG A 375 -13.27 14.21 6.01
CA ARG A 375 -13.35 13.40 7.23
C ARG A 375 -14.80 13.18 7.72
N ASN A 376 -15.56 14.26 7.85
CA ASN A 376 -16.94 14.12 8.31
C ASN A 376 -17.74 13.23 7.36
N TRP A 377 -17.51 13.39 6.06
CA TRP A 377 -18.19 12.59 5.05
C TRP A 377 -17.89 11.10 5.23
N ILE A 378 -16.62 10.79 5.44
CA ILE A 378 -16.20 9.40 5.62
C ILE A 378 -16.83 8.81 6.89
N ASP A 379 -16.73 9.56 7.98
CA ASP A 379 -17.31 9.14 9.25
C ASP A 379 -18.79 8.79 9.07
N GLN A 380 -19.51 9.68 8.39
CA GLN A 380 -20.94 9.52 8.15
C GLN A 380 -21.28 8.30 7.30
N GLU A 381 -20.49 8.06 6.25
CA GLU A 381 -20.73 6.90 5.40
C GLU A 381 -20.45 5.60 6.16
N MET A 382 -19.42 5.63 7.00
CA MET A 382 -19.07 4.46 7.80
C MET A 382 -20.19 4.14 8.78
N GLN A 383 -20.63 5.16 9.50
CA GLN A 383 -21.69 5.00 10.50
C GLN A 383 -22.99 4.50 9.88
N ALA A 384 -23.32 5.02 8.70
CA ALA A 384 -24.54 4.61 8.01
C ALA A 384 -24.51 3.13 7.60
N LYS A 385 -23.31 2.56 7.51
CA LYS A 385 -23.13 1.16 7.13
C LYS A 385 -22.87 0.27 8.35
N GLY A 386 -22.91 0.86 9.54
CA GLY A 386 -22.68 0.09 10.75
C GLY A 386 -21.22 -0.29 10.94
N LEU A 387 -20.33 0.45 10.30
CA LEU A 387 -18.90 0.18 10.41
C LEU A 387 -18.25 1.18 11.35
N SER A 388 -17.48 0.67 12.31
CA SER A 388 -16.80 1.52 13.29
C SER A 388 -15.69 2.35 12.66
N THR A 389 -15.46 3.53 13.19
CA THR A 389 -14.41 4.41 12.67
C THR A 389 -13.12 4.30 13.46
N THR A 390 -13.15 3.57 14.59
CA THR A 390 -11.95 3.45 15.41
C THR A 390 -10.70 2.93 14.70
N PRO A 391 -10.85 2.02 13.73
CA PRO A 391 -9.65 1.52 13.05
C PRO A 391 -8.79 2.62 12.40
N TYR A 392 -9.35 3.77 12.09
CA TYR A 392 -8.52 4.83 11.52
C TYR A 392 -8.32 5.97 12.50
N VAL A 393 -8.64 5.70 13.77
CA VAL A 393 -8.48 6.68 14.83
C VAL A 393 -7.45 6.15 15.83
N GLU A 394 -7.65 4.91 16.29
CA GLU A 394 -6.75 4.26 17.24
C GLU A 394 -5.50 3.70 16.58
C1 NAG B . -18.60 -11.27 16.78
C2 NAG B . -18.77 -12.79 16.75
C3 NAG B . -19.22 -13.32 18.11
C4 NAG B . -18.27 -12.83 19.21
C5 NAG B . -18.18 -11.31 19.15
C6 NAG B . -17.24 -10.74 20.19
C7 NAG B . -19.38 -13.91 14.70
C8 NAG B . -20.41 -14.11 13.60
N2 NAG B . -19.75 -13.15 15.73
O3 NAG B . -19.24 -14.76 18.09
O4 NAG B . -18.76 -13.26 20.50
O5 NAG B . -17.71 -10.88 17.85
O6 NAG B . -15.93 -11.30 20.01
O7 NAG B . -18.27 -14.43 14.61
C1 FUC B . -20.48 -15.38 17.90
C2 FUC B . -20.31 -16.90 17.90
C3 FUC B . -19.94 -17.36 19.31
C4 FUC B . -20.98 -16.89 20.32
C5 FUC B . -21.14 -15.38 20.23
C6 FUC B . -22.26 -14.85 21.11
O2 FUC B . -19.31 -17.28 16.99
O3 FUC B . -19.82 -18.78 19.35
O4 FUC B . -22.23 -17.53 20.03
O5 FUC B . -21.45 -14.98 18.87
C1 NAG B . -17.86 -13.92 21.32
C2 NAG B . -18.47 -14.06 22.72
C3 NAG B . -17.55 -14.88 23.62
C4 NAG B . -17.20 -16.21 22.96
C5 NAG B . -16.64 -15.97 21.54
C6 NAG B . -16.38 -17.27 20.81
C7 NAG B . -19.89 -12.21 23.32
C8 NAG B . -20.95 -12.86 24.20
N2 NAG B . -18.69 -12.75 23.32
O3 NAG B . -18.22 -15.14 24.85
O4 NAG B . -16.21 -16.88 23.74
O5 NAG B . -17.59 -15.21 20.76
O6 NAG B . -16.27 -17.07 19.41
O7 NAG B . -20.17 -11.22 22.65
C1 FUC B . -15.06 -11.05 21.08
C2 FUC B . -13.82 -11.95 20.95
C3 FUC B . -13.01 -11.55 19.73
C4 FUC B . -12.65 -10.06 19.78
C5 FUC B . -13.92 -9.21 19.98
C6 FUC B . -13.63 -7.74 20.20
O2 FUC B . -14.24 -13.32 20.84
O3 FUC B . -11.82 -12.32 19.66
O4 FUC B . -11.76 -9.82 20.87
O5 FUC B . -14.65 -9.69 21.13
S SO4 C . 5.92 -28.50 1.56
O1 SO4 C . 6.94 -28.89 2.63
O2 SO4 C . 4.55 -28.46 2.22
O3 SO4 C . 6.22 -27.18 1.14
O4 SO4 C . 5.86 -29.63 0.68
S SO4 D . 3.91 27.30 -18.19
O1 SO4 D . 4.28 28.52 -17.34
O2 SO4 D . 4.88 26.19 -17.81
O3 SO4 D . 2.62 26.89 -17.80
O4 SO4 D . 4.29 27.66 -19.52
S SO4 E . -18.23 5.45 15.36
O1 SO4 E . -17.56 6.68 14.77
O2 SO4 E . -18.23 5.63 16.88
O3 SO4 E . -19.57 5.44 14.93
O4 SO4 E . -17.30 4.38 15.13
S SO4 F . -11.66 22.06 4.80
O1 SO4 F . -10.85 23.08 5.59
O2 SO4 F . -11.08 20.69 5.10
O3 SO4 F . -12.97 22.07 5.32
O4 SO4 F . -11.34 22.30 3.44
S SO4 G . -3.25 8.32 -14.49
O1 SO4 G . -2.97 9.71 -15.06
O2 SO4 G . -1.89 7.64 -14.30
O3 SO4 G . -3.81 8.50 -13.21
O4 SO4 G . -3.87 7.60 -15.54
S SO4 H . -26.53 -3.70 -3.28
O1 SO4 H . -27.24 -2.76 -4.25
O2 SO4 H . -25.30 -2.96 -2.78
O3 SO4 H . -27.38 -3.90 -2.17
O4 SO4 H . -26.02 -4.74 -4.10
S SO4 I . 7.55 -17.07 -7.51
O1 SO4 I . 8.03 -18.44 -7.06
O2 SO4 I . 8.75 -16.14 -7.49
O3 SO4 I . 7.13 -17.17 -8.86
O4 SO4 I . 6.71 -16.62 -6.46
CA CA J . 4.27 -10.35 -4.04
#